data_1O06
# 
_entry.id   1O06 
# 
_audit_conform.dict_name       mmcif_pdbx.dic 
_audit_conform.dict_version    5.386 
_audit_conform.dict_location   http://mmcif.pdb.org/dictionaries/ascii/mmcif_pdbx.dic 
# 
loop_
_database_2.database_id 
_database_2.database_code 
_database_2.pdbx_database_accession 
_database_2.pdbx_DOI 
PDB   1O06         pdb_00001o06 10.2210/pdb1o06/pdb 
RCSB  RCSB018409   ?            ?                   
WWPDB D_1000018409 ?            ?                   
# 
loop_
_pdbx_audit_revision_history.ordinal 
_pdbx_audit_revision_history.data_content_type 
_pdbx_audit_revision_history.major_revision 
_pdbx_audit_revision_history.minor_revision 
_pdbx_audit_revision_history.revision_date 
1 'Structure model' 1 0 2003-07-22 
2 'Structure model' 1 1 2008-04-29 
3 'Structure model' 1 2 2011-07-13 
4 'Structure model' 1 3 2024-02-14 
# 
_pdbx_audit_revision_details.ordinal             1 
_pdbx_audit_revision_details.revision_ordinal    1 
_pdbx_audit_revision_details.data_content_type   'Structure model' 
_pdbx_audit_revision_details.provider            repository 
_pdbx_audit_revision_details.type                'Initial release' 
_pdbx_audit_revision_details.description         ? 
_pdbx_audit_revision_details.details             ? 
# 
loop_
_pdbx_audit_revision_group.ordinal 
_pdbx_audit_revision_group.revision_ordinal 
_pdbx_audit_revision_group.data_content_type 
_pdbx_audit_revision_group.group 
1 2 'Structure model' 'Version format compliance' 
2 3 'Structure model' 'Derived calculations'      
3 3 'Structure model' 'Version format compliance' 
4 4 'Structure model' 'Data collection'           
5 4 'Structure model' 'Database references'       
6 4 'Structure model' 'Derived calculations'      
# 
loop_
_pdbx_audit_revision_category.ordinal 
_pdbx_audit_revision_category.revision_ordinal 
_pdbx_audit_revision_category.data_content_type 
_pdbx_audit_revision_category.category 
1 4 'Structure model' chem_comp_atom               
2 4 'Structure model' chem_comp_bond               
3 4 'Structure model' database_2                   
4 4 'Structure model' pdbx_struct_conn_angle       
5 4 'Structure model' pdbx_struct_special_symmetry 
6 4 'Structure model' struct_conn                  
7 4 'Structure model' struct_site                  
# 
loop_
_pdbx_audit_revision_item.ordinal 
_pdbx_audit_revision_item.revision_ordinal 
_pdbx_audit_revision_item.data_content_type 
_pdbx_audit_revision_item.item 
1  4 'Structure model' '_database_2.pdbx_DOI'                        
2  4 'Structure model' '_database_2.pdbx_database_accession'         
3  4 'Structure model' '_pdbx_struct_conn_angle.ptnr1_auth_comp_id'  
4  4 'Structure model' '_pdbx_struct_conn_angle.ptnr1_auth_seq_id'   
5  4 'Structure model' '_pdbx_struct_conn_angle.ptnr1_label_asym_id' 
6  4 'Structure model' '_pdbx_struct_conn_angle.ptnr1_label_atom_id' 
7  4 'Structure model' '_pdbx_struct_conn_angle.ptnr1_label_comp_id' 
8  4 'Structure model' '_pdbx_struct_conn_angle.ptnr1_label_seq_id'  
9  4 'Structure model' '_pdbx_struct_conn_angle.ptnr1_symmetry'      
10 4 'Structure model' '_pdbx_struct_conn_angle.ptnr2_auth_seq_id'   
11 4 'Structure model' '_pdbx_struct_conn_angle.ptnr2_label_alt_id'  
12 4 'Structure model' '_pdbx_struct_conn_angle.ptnr2_label_asym_id' 
13 4 'Structure model' '_pdbx_struct_conn_angle.ptnr3_auth_comp_id'  
14 4 'Structure model' '_pdbx_struct_conn_angle.ptnr3_auth_seq_id'   
15 4 'Structure model' '_pdbx_struct_conn_angle.ptnr3_label_asym_id' 
16 4 'Structure model' '_pdbx_struct_conn_angle.ptnr3_label_atom_id' 
17 4 'Structure model' '_pdbx_struct_conn_angle.ptnr3_label_comp_id' 
18 4 'Structure model' '_pdbx_struct_conn_angle.ptnr3_label_seq_id'  
19 4 'Structure model' '_pdbx_struct_conn_angle.ptnr3_symmetry'      
20 4 'Structure model' '_pdbx_struct_conn_angle.value'               
21 4 'Structure model' '_struct_conn.pdbx_dist_value'                
22 4 'Structure model' '_struct_conn.pdbx_ptnr1_label_alt_id'        
23 4 'Structure model' '_struct_conn.pdbx_ptnr2_label_alt_id'        
24 4 'Structure model' '_struct_conn.ptnr1_auth_comp_id'             
25 4 'Structure model' '_struct_conn.ptnr1_auth_seq_id'              
26 4 'Structure model' '_struct_conn.ptnr1_label_asym_id'            
27 4 'Structure model' '_struct_conn.ptnr1_label_atom_id'            
28 4 'Structure model' '_struct_conn.ptnr1_label_comp_id'            
29 4 'Structure model' '_struct_conn.ptnr1_label_seq_id'             
30 4 'Structure model' '_struct_conn.ptnr1_symmetry'                 
31 4 'Structure model' '_struct_conn.ptnr2_auth_comp_id'             
32 4 'Structure model' '_struct_conn.ptnr2_auth_seq_id'              
33 4 'Structure model' '_struct_conn.ptnr2_label_asym_id'            
34 4 'Structure model' '_struct_conn.ptnr2_label_atom_id'            
35 4 'Structure model' '_struct_conn.ptnr2_label_comp_id'            
36 4 'Structure model' '_struct_conn.ptnr2_label_seq_id'             
37 4 'Structure model' '_struct_conn.ptnr2_symmetry'                 
38 4 'Structure model' '_struct_site.pdbx_auth_asym_id'              
39 4 'Structure model' '_struct_site.pdbx_auth_comp_id'              
40 4 'Structure model' '_struct_site.pdbx_auth_seq_id'               
# 
_pdbx_database_status.status_code                     REL 
_pdbx_database_status.entry_id                        1O06 
_pdbx_database_status.recvd_initial_deposition_date   2003-02-20 
_pdbx_database_status.deposit_site                    RCSB 
_pdbx_database_status.process_site                    RCSB 
_pdbx_database_status.status_code_sf                  REL 
_pdbx_database_status.status_code_mr                  ? 
_pdbx_database_status.SG_entry                        ? 
_pdbx_database_status.pdb_format_compatible           Y 
_pdbx_database_status.status_code_cs                  ? 
_pdbx_database_status.status_code_nmr_data            ? 
_pdbx_database_status.methods_development_category    ? 
# 
loop_
_audit_author.name 
_audit_author.pdbx_ordinal 
'Fisher, R.D.'    1 
'Wang, B.'        2 
'Alam, S.L.'      3 
'Higginson, D.S.' 4 
'Rich, R.'        5 
'Myszka, D.'      6 
'Sundquist, W.I.' 7 
'Hill, C.P.'      8 
# 
_citation.id                        primary 
_citation.title                     'Structure and ubiquitin binding of the ubiquitin-interacting motif.' 
_citation.journal_abbrev            J.Biol.Chem. 
_citation.journal_volume            278 
_citation.page_first                28976 
_citation.page_last                 28984 
_citation.year                      2003 
_citation.journal_id_ASTM           JBCHA3 
_citation.country                   US 
_citation.journal_id_ISSN           0021-9258 
_citation.journal_id_CSD            0071 
_citation.book_publisher            ? 
_citation.pdbx_database_id_PubMed   12750381 
_citation.pdbx_database_id_DOI      10.1074/jbc.M302596200 
# 
loop_
_citation_author.citation_id 
_citation_author.name 
_citation_author.ordinal 
_citation_author.identifier_ORCID 
primary 'Fisher, R.D.'    1 ? 
primary 'Wang, B.'        2 ? 
primary 'Alam, S.L.'      3 ? 
primary 'Higginson, D.S.' 4 ? 
primary 'Robinson, H.'    5 ? 
primary 'Sundquist, W.I.' 6 ? 
primary 'Hill, C.P.'      7 ? 
# 
loop_
_entity.id 
_entity.type 
_entity.src_method 
_entity.pdbx_description 
_entity.formula_weight 
_entity.pdbx_number_of_molecules 
_entity.pdbx_ec 
_entity.pdbx_mutation 
_entity.pdbx_fragment 
_entity.details 
1 polymer     syn 'Vacuolar protein sorting-associated protein VPS27' 2245.353 1  ? ? 'Residues 301-320' ? 
2 non-polymer syn 'ZINC ION'                                          65.409   3  ? ? ?                  ? 
3 water       nat water                                               18.015   26 ? ? ?                  ? 
# 
_entity_poly.entity_id                      1 
_entity_poly.type                           'polypeptide(L)' 
_entity_poly.nstd_linkage                   no 
_entity_poly.nstd_monomer                   no 
_entity_poly.pdbx_seq_one_letter_code       EEDPDLKAAIQESLREAEEA 
_entity_poly.pdbx_seq_one_letter_code_can   EEDPDLKAAIQESLREAEEA 
_entity_poly.pdbx_strand_id                 A 
_entity_poly.pdbx_target_identifier         ? 
# 
loop_
_pdbx_entity_nonpoly.entity_id 
_pdbx_entity_nonpoly.name 
_pdbx_entity_nonpoly.comp_id 
2 'ZINC ION' ZN  
3 water      HOH 
# 
loop_
_entity_poly_seq.entity_id 
_entity_poly_seq.num 
_entity_poly_seq.mon_id 
_entity_poly_seq.hetero 
1 1  GLU n 
1 2  GLU n 
1 3  ASP n 
1 4  PRO n 
1 5  ASP n 
1 6  LEU n 
1 7  LYS n 
1 8  ALA n 
1 9  ALA n 
1 10 ILE n 
1 11 GLN n 
1 12 GLU n 
1 13 SER n 
1 14 LEU n 
1 15 ARG n 
1 16 GLU n 
1 17 ALA n 
1 18 GLU n 
1 19 GLU n 
1 20 ALA n 
# 
_pdbx_entity_src_syn.entity_id              1 
_pdbx_entity_src_syn.pdbx_src_id            1 
_pdbx_entity_src_syn.pdbx_alt_source_flag   sample 
_pdbx_entity_src_syn.pdbx_beg_seq_num       ? 
_pdbx_entity_src_syn.pdbx_end_seq_num       ? 
_pdbx_entity_src_syn.organism_scientific    ? 
_pdbx_entity_src_syn.organism_common_name   ? 
_pdbx_entity_src_syn.ncbi_taxonomy_id       ? 
_pdbx_entity_src_syn.details                
'This sequence occurs naturally in Saccharomyces cerevisiae Vps27p and was synthesized by standard peptide synthesis methods' 
# 
loop_
_chem_comp.id 
_chem_comp.type 
_chem_comp.mon_nstd_flag 
_chem_comp.name 
_chem_comp.pdbx_synonyms 
_chem_comp.formula 
_chem_comp.formula_weight 
ALA 'L-peptide linking' y ALANINE         ? 'C3 H7 N O2'     89.093  
ARG 'L-peptide linking' y ARGININE        ? 'C6 H15 N4 O2 1' 175.209 
ASP 'L-peptide linking' y 'ASPARTIC ACID' ? 'C4 H7 N O4'     133.103 
GLN 'L-peptide linking' y GLUTAMINE       ? 'C5 H10 N2 O3'   146.144 
GLU 'L-peptide linking' y 'GLUTAMIC ACID' ? 'C5 H9 N O4'     147.129 
HOH non-polymer         . WATER           ? 'H2 O'           18.015  
ILE 'L-peptide linking' y ISOLEUCINE      ? 'C6 H13 N O2'    131.173 
LEU 'L-peptide linking' y LEUCINE         ? 'C6 H13 N O2'    131.173 
LYS 'L-peptide linking' y LYSINE          ? 'C6 H15 N2 O2 1' 147.195 
PRO 'L-peptide linking' y PROLINE         ? 'C5 H9 N O2'     115.130 
SER 'L-peptide linking' y SERINE          ? 'C3 H7 N O3'     105.093 
ZN  non-polymer         . 'ZINC ION'      ? 'Zn 2'           65.409  
# 
loop_
_pdbx_poly_seq_scheme.asym_id 
_pdbx_poly_seq_scheme.entity_id 
_pdbx_poly_seq_scheme.seq_id 
_pdbx_poly_seq_scheme.mon_id 
_pdbx_poly_seq_scheme.ndb_seq_num 
_pdbx_poly_seq_scheme.pdb_seq_num 
_pdbx_poly_seq_scheme.auth_seq_num 
_pdbx_poly_seq_scheme.pdb_mon_id 
_pdbx_poly_seq_scheme.auth_mon_id 
_pdbx_poly_seq_scheme.pdb_strand_id 
_pdbx_poly_seq_scheme.pdb_ins_code 
_pdbx_poly_seq_scheme.hetero 
A 1 1  GLU 1  1  1  GLU GLU A . n 
A 1 2  GLU 2  2  2  GLU GLU A . n 
A 1 3  ASP 3  3  3  ASP ASP A . n 
A 1 4  PRO 4  4  4  PRO PRO A . n 
A 1 5  ASP 5  5  5  ASP ASP A . n 
A 1 6  LEU 6  6  6  LEU LEU A . n 
A 1 7  LYS 7  7  7  LYS LYS A . n 
A 1 8  ALA 8  8  8  ALA ALA A . n 
A 1 9  ALA 9  9  9  ALA ALA A . n 
A 1 10 ILE 10 10 10 ILE ILE A . n 
A 1 11 GLN 11 11 11 GLN GLN A . n 
A 1 12 GLU 12 12 12 GLU GLU A . n 
A 1 13 SER 13 13 13 SER SER A . n 
A 1 14 LEU 14 14 14 LEU LEU A . n 
A 1 15 ARG 15 15 15 ARG ARG A . n 
A 1 16 GLU 16 16 16 GLU GLU A . n 
A 1 17 ALA 17 17 17 ALA ALA A . n 
A 1 18 GLU 18 18 18 GLU GLU A . n 
A 1 19 GLU 19 19 19 GLU GLU A . n 
A 1 20 ALA 20 20 20 ALA ALA A . n 
# 
loop_
_pdbx_nonpoly_scheme.asym_id 
_pdbx_nonpoly_scheme.entity_id 
_pdbx_nonpoly_scheme.mon_id 
_pdbx_nonpoly_scheme.ndb_seq_num 
_pdbx_nonpoly_scheme.pdb_seq_num 
_pdbx_nonpoly_scheme.auth_seq_num 
_pdbx_nonpoly_scheme.pdb_mon_id 
_pdbx_nonpoly_scheme.auth_mon_id 
_pdbx_nonpoly_scheme.pdb_strand_id 
_pdbx_nonpoly_scheme.pdb_ins_code 
B 2 ZN  1  101 101 ZN  ZN  A . 
C 2 ZN  1  102 102 ZN  ZN  A . 
D 2 ZN  1  103 103 ZN  ZN  A . 
E 3 HOH 1  201 201 HOH HOH A . 
E 3 HOH 2  202 202 HOH HOH A . 
E 3 HOH 3  203 203 HOH HOH A . 
E 3 HOH 4  204 204 HOH HOH A . 
E 3 HOH 5  205 205 HOH HOH A . 
E 3 HOH 6  206 206 HOH HOH A . 
E 3 HOH 7  207 207 HOH HOH A . 
E 3 HOH 8  208 208 HOH HOH A . 
E 3 HOH 9  209 209 HOH HOH A . 
E 3 HOH 10 210 210 HOH HOH A . 
E 3 HOH 11 211 211 HOH HOH A . 
E 3 HOH 12 212 212 HOH HOH A . 
E 3 HOH 13 213 213 HOH HOH A . 
E 3 HOH 14 214 214 HOH HOH A . 
E 3 HOH 15 215 215 HOH HOH A . 
E 3 HOH 16 216 216 HOH HOH A . 
E 3 HOH 17 217 217 HOH HOH A . 
E 3 HOH 18 218 218 HOH HOH A . 
E 3 HOH 19 219 219 HOH HOH A . 
E 3 HOH 20 220 220 HOH HOH A . 
E 3 HOH 21 221 221 HOH HOH A . 
E 3 HOH 22 222 222 HOH HOH A . 
E 3 HOH 23 223 223 HOH HOH A . 
E 3 HOH 24 224 224 HOH HOH A . 
E 3 HOH 25 225 225 HOH HOH A . 
E 3 HOH 26 226 226 HOH HOH A . 
# 
loop_
_software.name 
_software.classification 
_software.version 
_software.citation_id 
_software.pdbx_ordinal 
REFMAC    refinement       5.1.19 ? 1 
DENZO     'data reduction' .      ? 2 
SCALEPACK 'data scaling'   .      ? 3 
SOLVE     phasing          .      ? 4 
# 
_cell.entry_id           1O06 
_cell.length_a           34.967 
_cell.length_b           34.967 
_cell.length_c           64.243 
_cell.angle_alpha        90.00 
_cell.angle_beta         90.00 
_cell.angle_gamma        120.00 
_cell.Z_PDB              12 
_cell.pdbx_unique_axis   ? 
# 
_symmetry.entry_id                         1O06 
_symmetry.space_group_name_H-M             'P 62 2 2' 
_symmetry.pdbx_full_space_group_name_H-M   ? 
_symmetry.cell_setting                     ? 
_symmetry.Int_Tables_number                180 
_symmetry.space_group_name_Hall            ? 
# 
_exptl.entry_id          1O06 
_exptl.method            'X-RAY DIFFRACTION' 
_exptl.crystals_number   1 
# 
_exptl_crystal.id                    1 
_exptl_crystal.density_meas          ? 
_exptl_crystal.density_Matthews      1.98 
_exptl_crystal.density_percent_sol   37.24 
_exptl_crystal.description           ? 
_exptl_crystal.F_000                 ? 
_exptl_crystal.preparation           ? 
# 
_exptl_crystal_grow.crystal_id      1 
_exptl_crystal_grow.method          'VAPOR DIFFUSION, SITTING DROP' 
_exptl_crystal_grow.temp            293.0 
_exptl_crystal_grow.temp_details    ? 
_exptl_crystal_grow.pH              6.5 
_exptl_crystal_grow.pdbx_details    
;0.08M sodium cacodylate, 0.16M zinc acetate, 10.4% PEG-8000, 20% glycerol, pH 6.5, VAPOR DIFFUSION, SITTING DROP, temperature 293.0K
;
_exptl_crystal_grow.pdbx_pH_range   . 
# 
loop_
_diffrn.id 
_diffrn.ambient_temp 
_diffrn.ambient_temp_details 
_diffrn.crystal_id 
1 100 ? 1 
2 100 ? 1 
# 
_diffrn_detector.diffrn_id              1 
_diffrn_detector.detector               'IMAGE PLATE' 
_diffrn_detector.type                   'RIGAKU RAXIS IV' 
_diffrn_detector.pdbx_collection_date   2002-01-10 
_diffrn_detector.details                ? 
# 
_diffrn_radiation.diffrn_id                        1 
_diffrn_radiation.wavelength_id                    1 
_diffrn_radiation.pdbx_monochromatic_or_laue_m_l   M 
_diffrn_radiation.monochromator                    'Yale mirrors' 
_diffrn_radiation.pdbx_diffrn_protocol             'SINGLE WAVELENGTH' 
_diffrn_radiation.pdbx_scattering_type             x-ray 
# 
_diffrn_radiation_wavelength.id           1 
_diffrn_radiation_wavelength.wavelength   1.5418 
_diffrn_radiation_wavelength.wt           1.0 
# 
_diffrn_source.diffrn_id                   1 
_diffrn_source.source                      'ROTATING ANODE' 
_diffrn_source.type                        RIGAKU 
_diffrn_source.pdbx_synchrotron_site       ? 
_diffrn_source.pdbx_synchrotron_beamline   ? 
_diffrn_source.pdbx_wavelength             ? 
_diffrn_source.pdbx_wavelength_list        1.5418 
# 
_reflns.entry_id                     1O06 
_reflns.observed_criterion_sigma_F   ? 
_reflns.observed_criterion_sigma_I   -2 
_reflns.d_resolution_high            1.45 
_reflns.d_resolution_low             30 
_reflns.number_all                   4525 
_reflns.number_obs                   4525 
_reflns.percent_possible_obs         99.3 
_reflns.pdbx_Rmerge_I_obs            0.034 
_reflns.pdbx_Rsym_value              ? 
_reflns.pdbx_netI_over_sigmaI        33.5 
_reflns.B_iso_Wilson_estimate        ? 
_reflns.pdbx_redundancy              7.1 
_reflns.R_free_details               ? 
_reflns.limit_h_max                  ? 
_reflns.limit_h_min                  ? 
_reflns.limit_k_max                  ? 
_reflns.limit_k_min                  ? 
_reflns.limit_l_max                  ? 
_reflns.limit_l_min                  ? 
_reflns.observed_criterion_F_max     ? 
_reflns.observed_criterion_F_min     ? 
_reflns.pdbx_chi_squared             ? 
_reflns.pdbx_scaling_rejects         ? 
_reflns.pdbx_ordinal                 1 
_reflns.pdbx_diffrn_id               1 
# 
_reflns_shell.d_res_high             1.45 
_reflns_shell.d_res_low              1.50 
_reflns_shell.percent_possible_all   94.2 
_reflns_shell.Rmerge_I_obs           0.135 
_reflns_shell.pdbx_Rsym_value        ? 
_reflns_shell.meanI_over_sigI_obs    10.5 
_reflns_shell.pdbx_redundancy        ? 
_reflns_shell.percent_possible_obs   ? 
_reflns_shell.number_unique_all      ? 
_reflns_shell.number_measured_all    ? 
_reflns_shell.number_measured_obs    ? 
_reflns_shell.number_unique_obs      ? 
_reflns_shell.pdbx_chi_squared       ? 
_reflns_shell.pdbx_ordinal           1 
_reflns_shell.pdbx_diffrn_id         1 
# 
_refine.entry_id                                 1O06 
_refine.ls_number_reflns_obs                     4053 
_refine.ls_number_reflns_all                     4496 
_refine.pdbx_ls_sigma_I                          0 
_refine.pdbx_ls_sigma_F                          0 
_refine.pdbx_data_cutoff_high_absF               ? 
_refine.pdbx_data_cutoff_low_absF                ? 
_refine.pdbx_data_cutoff_high_rms_absF           ? 
_refine.ls_d_res_low                             30.29 
_refine.ls_d_res_high                            1.45 
_refine.ls_percent_reflns_obs                    99.38 
_refine.ls_R_factor_obs                          0.18884 
_refine.ls_R_factor_all                          ? 
_refine.ls_R_factor_R_work                       0.18535 
_refine.ls_R_factor_R_free                       0.22388 
_refine.ls_R_factor_R_free_error                 ? 
_refine.ls_R_factor_R_free_error_details         ? 
_refine.ls_percent_reflns_R_free                 9.9 
_refine.ls_number_reflns_R_free                  443 
_refine.ls_number_parameters                     ? 
_refine.ls_number_restraints                     ? 
_refine.occupancy_min                            ? 
_refine.occupancy_max                            ? 
_refine.correlation_coeff_Fo_to_Fc               0.955 
_refine.correlation_coeff_Fo_to_Fc_free          0.928 
_refine.B_iso_mean                               12.368 
_refine.aniso_B[1][1]                            0.45 
_refine.aniso_B[2][2]                            0.45 
_refine.aniso_B[3][3]                            -0.67 
_refine.aniso_B[1][2]                            0.22 
_refine.aniso_B[1][3]                            0.00 
_refine.aniso_B[2][3]                            0.00 
_refine.solvent_model_details                    'BABINET MODEL WITH MASK' 
_refine.solvent_model_param_ksol                 ? 
_refine.solvent_model_param_bsol                 ? 
_refine.pdbx_solvent_vdw_probe_radii             1.40 
_refine.pdbx_solvent_ion_probe_radii             0.80 
_refine.pdbx_solvent_shrinkage_radii             0.80 
_refine.pdbx_ls_cross_valid_method               THROUGHOUT 
_refine.details                                  'HYDROGENS HAVE BEEN ADDED IN THE RIDING POSITIONS' 
_refine.pdbx_starting_model                      ? 
_refine.pdbx_method_to_determine_struct          SAD 
_refine.pdbx_isotropic_thermal_model             Isotropic 
_refine.pdbx_stereochemistry_target_values       'MAXIMUM LIKELIHOOD' 
_refine.pdbx_stereochem_target_val_spec_case     ? 
_refine.pdbx_R_Free_selection_details            RANDOM 
_refine.pdbx_overall_ESU_R                       0.070 
_refine.pdbx_overall_ESU_R_Free                  0.076 
_refine.overall_SU_ML                            0.041 
_refine.overall_SU_B                             1.026 
_refine.ls_redundancy_reflns_obs                 ? 
_refine.B_iso_min                                ? 
_refine.B_iso_max                                ? 
_refine.overall_SU_R_Cruickshank_DPI             ? 
_refine.overall_SU_R_free                        ? 
_refine.ls_wR_factor_R_free                      ? 
_refine.ls_wR_factor_R_work                      ? 
_refine.overall_FOM_free_R_set                   ? 
_refine.overall_FOM_work_R_set                   ? 
_refine.pdbx_refine_id                           'X-RAY DIFFRACTION' 
_refine.pdbx_diffrn_id                           1 
_refine.pdbx_TLS_residual_ADP_flag               ? 
_refine.pdbx_overall_phase_error                 ? 
_refine.pdbx_overall_SU_R_free_Cruickshank_DPI   ? 
_refine.pdbx_overall_SU_R_Blow_DPI               ? 
_refine.pdbx_overall_SU_R_free_Blow_DPI          ? 
# 
_refine_hist.pdbx_refine_id                   'X-RAY DIFFRACTION' 
_refine_hist.cycle_id                         LAST 
_refine_hist.pdbx_number_atoms_protein        157 
_refine_hist.pdbx_number_atoms_nucleic_acid   0 
_refine_hist.pdbx_number_atoms_ligand         3 
_refine_hist.number_atoms_solvent             26 
_refine_hist.number_atoms_total               186 
_refine_hist.d_res_high                       1.45 
_refine_hist.d_res_low                        30.29 
# 
loop_
_refine_ls_restr.type 
_refine_ls_restr.dev_ideal 
_refine_ls_restr.dev_ideal_target 
_refine_ls_restr.weight 
_refine_ls_restr.number 
_refine_ls_restr.pdbx_refine_id 
_refine_ls_restr.pdbx_restraint_function 
r_bond_refined_d         0.008 0.021 ? 174 'X-RAY DIFFRACTION' ? 
r_bond_other_d           0.002 0.020 ? 146 'X-RAY DIFFRACTION' ? 
r_angle_refined_deg      1.365 2.003 ? 236 'X-RAY DIFFRACTION' ? 
r_angle_other_deg        0.733 3.000 ? 350 'X-RAY DIFFRACTION' ? 
r_dihedral_angle_1_deg   3.116 5.000 ? 23  'X-RAY DIFFRACTION' ? 
r_chiral_restr           0.051 0.200 ? 25  'X-RAY DIFFRACTION' ? 
r_gen_planes_refined     0.004 0.020 ? 211 'X-RAY DIFFRACTION' ? 
r_gen_planes_other       0.002 0.020 ? 26  'X-RAY DIFFRACTION' ? 
r_nbd_refined            0.346 0.200 ? 49  'X-RAY DIFFRACTION' ? 
r_nbd_other              0.254 0.200 ? 177 'X-RAY DIFFRACTION' ? 
r_nbtor_other            0.087 0.200 ? 102 'X-RAY DIFFRACTION' ? 
r_xyhbond_nbd_refined    0.293 0.200 ? 20  'X-RAY DIFFRACTION' ? 
r_metal_ion_refined      0.205 0.200 ? 2   'X-RAY DIFFRACTION' ? 
r_symmetry_vdw_refined   0.341 0.200 ? 12  'X-RAY DIFFRACTION' ? 
r_symmetry_vdw_other     0.142 0.200 ? 13  'X-RAY DIFFRACTION' ? 
r_symmetry_hbond_refined 0.280 0.200 ? 11  'X-RAY DIFFRACTION' ? 
r_mcbond_it              0.681 1.500 ? 113 'X-RAY DIFFRACTION' ? 
r_mcangle_it             1.340 2.000 ? 180 'X-RAY DIFFRACTION' ? 
r_scbond_it              2.418 3.000 ? 61  'X-RAY DIFFRACTION' ? 
r_scangle_it             4.260 4.500 ? 56  'X-RAY DIFFRACTION' ? 
# 
_refine_ls_shell.pdbx_total_number_of_bins_used   20 
_refine_ls_shell.d_res_high                       1.450 
_refine_ls_shell.d_res_low                        1.488 
_refine_ls_shell.number_reflns_R_work             262 
_refine_ls_shell.R_factor_R_work                  0.248 
_refine_ls_shell.percent_reflns_obs               94.2 
_refine_ls_shell.R_factor_R_free                  0.259 
_refine_ls_shell.R_factor_R_free_error            ? 
_refine_ls_shell.percent_reflns_R_free            ? 
_refine_ls_shell.number_reflns_R_free             30 
_refine_ls_shell.number_reflns_obs                ? 
_refine_ls_shell.redundancy_reflns_obs            ? 
_refine_ls_shell.number_reflns_all                ? 
_refine_ls_shell.pdbx_refine_id                   'X-RAY DIFFRACTION' 
_refine_ls_shell.R_factor_all                     ? 
# 
_struct.entry_id                  1O06 
_struct.title                     'Crystal structure of the Vps27p Ubiquitin Interacting Motif (UIM)' 
_struct.pdbx_model_details        ? 
_struct.pdbx_CASP_flag            ? 
_struct.pdbx_model_type_details   ? 
# 
_struct_keywords.entry_id        1O06 
_struct_keywords.pdbx_keywords   'TRANSPORT PROTEIN' 
_struct_keywords.text            'alpha-helix, coiled-coil, tetramer, TRANSPORT PROTEIN' 
# 
loop_
_struct_asym.id 
_struct_asym.pdbx_blank_PDB_chainid_flag 
_struct_asym.pdbx_modified 
_struct_asym.entity_id 
_struct_asym.details 
A N N 1 ? 
B N N 2 ? 
C N N 2 ? 
D N N 2 ? 
E N N 3 ? 
# 
_struct_ref.id                         1 
_struct_ref.db_name                    UNP 
_struct_ref.db_code                    VPS27_YEAST 
_struct_ref.pdbx_db_accession          P40343 
_struct_ref.entity_id                  1 
_struct_ref.pdbx_seq_one_letter_code   EEDPDLKAAIQESLREAEEA 
_struct_ref.pdbx_align_begin           301 
_struct_ref.pdbx_db_isoform            ? 
# 
_struct_ref_seq.align_id                      1 
_struct_ref_seq.ref_id                        1 
_struct_ref_seq.pdbx_PDB_id_code              1O06 
_struct_ref_seq.pdbx_strand_id                A 
_struct_ref_seq.seq_align_beg                 1 
_struct_ref_seq.pdbx_seq_align_beg_ins_code   ? 
_struct_ref_seq.seq_align_end                 20 
_struct_ref_seq.pdbx_seq_align_end_ins_code   ? 
_struct_ref_seq.pdbx_db_accession             P40343 
_struct_ref_seq.db_align_beg                  301 
_struct_ref_seq.pdbx_db_align_beg_ins_code    ? 
_struct_ref_seq.db_align_end                  320 
_struct_ref_seq.pdbx_db_align_end_ins_code    ? 
_struct_ref_seq.pdbx_auth_seq_align_beg       1 
_struct_ref_seq.pdbx_auth_seq_align_end       20 
# 
loop_
_pdbx_struct_assembly.id 
_pdbx_struct_assembly.details 
_pdbx_struct_assembly.method_details 
_pdbx_struct_assembly.oligomeric_details 
_pdbx_struct_assembly.oligomeric_count 
1 author_and_software_defined_assembly PQS  monomeric 1 
2 software_defined_assembly            PISA dimeric   2 
3 software_defined_assembly            PISA dimeric   2 
# 
loop_
_pdbx_struct_assembly_prop.biol_id 
_pdbx_struct_assembly_prop.type 
_pdbx_struct_assembly_prop.value 
_pdbx_struct_assembly_prop.details 
2 'ABSA (A^2)' 1300 ? 
2 MORE         -75  ? 
2 'SSA (A^2)'  3310 ? 
3 'ABSA (A^2)' 530  ? 
3 MORE         -66  ? 
3 'SSA (A^2)'  4080 ? 
# 
loop_
_pdbx_struct_assembly_gen.assembly_id 
_pdbx_struct_assembly_gen.oper_expression 
_pdbx_struct_assembly_gen.asym_id_list 
1 1   A,B,C,D,E 
2 1,2 A,B,C,D,E 
3 1,3 A,B,C,D,E 
# 
loop_
_pdbx_struct_oper_list.id 
_pdbx_struct_oper_list.type 
_pdbx_struct_oper_list.name 
_pdbx_struct_oper_list.symmetry_operation 
_pdbx_struct_oper_list.matrix[1][1] 
_pdbx_struct_oper_list.matrix[1][2] 
_pdbx_struct_oper_list.matrix[1][3] 
_pdbx_struct_oper_list.vector[1] 
_pdbx_struct_oper_list.matrix[2][1] 
_pdbx_struct_oper_list.matrix[2][2] 
_pdbx_struct_oper_list.matrix[2][3] 
_pdbx_struct_oper_list.vector[2] 
_pdbx_struct_oper_list.matrix[3][1] 
_pdbx_struct_oper_list.matrix[3][2] 
_pdbx_struct_oper_list.matrix[3][3] 
_pdbx_struct_oper_list.vector[3] 
1 'identity operation'         1_555 x,y,z         1.0000000000  0.0000000000  0.0000000000  0.0000000000  0.0000000000  1.0000000000  0.0000000000  0.0000000000  0.0000000000  0.0000000000  1.0000000000  0.0000000000  
2 'crystal symmetry operation' 8_675 x-y+1,-y+2,-z -0.7422821734 -0.6655207136 0.0780983661  0.9772395136  -0.6655207136 0.7186153791  -0.2016782504 -0.6650165175 0.0780983661  -0.2016782504 -0.9763332057 -8.8917905111 
3 'crystal symmetry operation' 4_785 -x+2,-y+3,z   -0.9452164372 -0.0170412497 -0.3259992066 30.3921382628 -0.0170412497 -0.9946990634 0.1014069474  3.0917127899  -0.3259992066 0.1014069474  0.9399155006  4.9457266570 
# 
_struct_biol.id                    1 
_struct_biol.pdbx_parent_biol_id   ? 
_struct_biol.details               ? 
# 
_struct_conf.conf_type_id            HELX_P 
_struct_conf.id                      HELX_P1 
_struct_conf.pdbx_PDB_helix_id       1 
_struct_conf.beg_label_comp_id       ASP 
_struct_conf.beg_label_asym_id       A 
_struct_conf.beg_label_seq_id        3 
_struct_conf.pdbx_beg_PDB_ins_code   ? 
_struct_conf.end_label_comp_id       GLU 
_struct_conf.end_label_asym_id       A 
_struct_conf.end_label_seq_id        19 
_struct_conf.pdbx_end_PDB_ins_code   ? 
_struct_conf.beg_auth_comp_id        ASP 
_struct_conf.beg_auth_asym_id        A 
_struct_conf.beg_auth_seq_id         3 
_struct_conf.end_auth_comp_id        GLU 
_struct_conf.end_auth_asym_id        A 
_struct_conf.end_auth_seq_id         19 
_struct_conf.pdbx_PDB_helix_class    1 
_struct_conf.details                 ? 
_struct_conf.pdbx_PDB_helix_length   17 
# 
_struct_conf_type.id          HELX_P 
_struct_conf_type.criteria    ? 
_struct_conf_type.reference   ? 
# 
loop_
_struct_conn.id 
_struct_conn.conn_type_id 
_struct_conn.pdbx_leaving_atom_flag 
_struct_conn.pdbx_PDB_id 
_struct_conn.ptnr1_label_asym_id 
_struct_conn.ptnr1_label_comp_id 
_struct_conn.ptnr1_label_seq_id 
_struct_conn.ptnr1_label_atom_id 
_struct_conn.pdbx_ptnr1_label_alt_id 
_struct_conn.pdbx_ptnr1_PDB_ins_code 
_struct_conn.pdbx_ptnr1_standard_comp_id 
_struct_conn.ptnr1_symmetry 
_struct_conn.ptnr2_label_asym_id 
_struct_conn.ptnr2_label_comp_id 
_struct_conn.ptnr2_label_seq_id 
_struct_conn.ptnr2_label_atom_id 
_struct_conn.pdbx_ptnr2_label_alt_id 
_struct_conn.pdbx_ptnr2_PDB_ins_code 
_struct_conn.ptnr1_auth_asym_id 
_struct_conn.ptnr1_auth_comp_id 
_struct_conn.ptnr1_auth_seq_id 
_struct_conn.ptnr2_auth_asym_id 
_struct_conn.ptnr2_auth_comp_id 
_struct_conn.ptnr2_auth_seq_id 
_struct_conn.ptnr2_symmetry 
_struct_conn.pdbx_ptnr3_label_atom_id 
_struct_conn.pdbx_ptnr3_label_seq_id 
_struct_conn.pdbx_ptnr3_label_comp_id 
_struct_conn.pdbx_ptnr3_label_asym_id 
_struct_conn.pdbx_ptnr3_label_alt_id 
_struct_conn.pdbx_ptnr3_PDB_ins_code 
_struct_conn.details 
_struct_conn.pdbx_dist_value 
_struct_conn.pdbx_value_order 
_struct_conn.pdbx_role 
metalc1  metalc ? ? A GLU 1  N   ? ? ? 1_555  D ZN  . ZN B ? A GLU 1   A ZN  103 1_555 ? ? ? ? ? ? ? 2.536 ? ? 
metalc2  metalc ? ? A GLU 1  N   ? ? ? 1_555  D ZN  . ZN A ? A GLU 1   A ZN  103 1_555 ? ? ? ? ? ? ? 1.789 ? ? 
metalc3  metalc ? ? A ASP 3  OD2 ? ? ? 12_575 B ZN  . ZN ? ? A ASP 3   A ZN  101 1_555 ? ? ? ? ? ? ? 1.906 ? ? 
metalc4  metalc ? ? A ASP 5  OD2 ? ? ? 1_555  B ZN  . ZN ? ? A ASP 5   A ZN  101 1_555 ? ? ? ? ? ? ? 1.916 ? ? 
metalc5  metalc ? ? A ASP 5  OD1 ? ? ? 1_555  B ZN  . ZN ? ? A ASP 5   A ZN  101 1_555 ? ? ? ? ? ? ? 2.731 ? ? 
metalc6  metalc ? ? A ASP 5  OD2 ? ? ? 1_555  C ZN  . ZN ? ? A ASP 5   A ZN  102 1_555 ? ? ? ? ? ? ? 2.311 ? ? 
metalc7  metalc ? ? A ASP 5  OD2 ? ? ? 12_575 C ZN  . ZN ? ? A ASP 5   A ZN  102 1_555 ? ? ? ? ? ? ? 2.563 ? ? 
metalc8  metalc ? ? A GLU 16 OE1 ? ? ? 9_665  B ZN  . ZN ? ? A GLU 16  A ZN  101 1_555 ? ? ? ? ? ? ? 1.961 ? ? 
metalc9  metalc ? ? A GLU 16 OE2 ? ? ? 9_665  C ZN  . ZN ? ? A GLU 16  A ZN  102 1_555 ? ? ? ? ? ? ? 2.107 ? ? 
metalc10 metalc ? ? A GLU 16 OE2 ? ? ? 4_675  C ZN  . ZN ? ? A GLU 16  A ZN  102 1_555 ? ? ? ? ? ? ? 2.301 ? ? 
metalc11 metalc ? ? A GLU 18 OE1 ? ? ? 11_665 D ZN  . ZN B ? A GLU 18  A ZN  103 1_555 ? ? ? ? ? ? ? 2.364 ? ? 
metalc12 metalc ? ? A GLU 18 OE1 ? ? ? 11_665 D ZN  . ZN A ? A GLU 18  A ZN  103 1_555 ? ? ? ? ? ? ? 2.113 ? ? 
metalc13 metalc ? ? A GLU 19 OE1 ? ? ? 9_665  B ZN  . ZN ? ? A GLU 19  A ZN  101 1_555 ? ? ? ? ? ? ? 2.006 ? ? 
metalc14 metalc ? ? A ALA 20 OXT ? ? ? 8_675  D ZN  . ZN B ? A ALA 20  A ZN  103 1_555 ? ? ? ? ? ? ? 1.771 ? ? 
metalc15 metalc ? ? A ALA 20 O   ? ? ? 8_675  D ZN  . ZN B ? A ALA 20  A ZN  103 1_555 ? ? ? ? ? ? ? 2.089 ? ? 
metalc16 metalc ? ? A ALA 20 OXT ? ? ? 8_675  D ZN  . ZN A ? A ALA 20  A ZN  103 1_555 ? ? ? ? ? ? ? 2.160 ? ? 
metalc17 metalc ? ? C ZN  .  ZN  ? ? ? 1_555  E HOH . O  ? ? A ZN  102 A HOH 205 4_675 ? ? ? ? ? ? ? 2.241 ? ? 
metalc18 metalc ? ? C ZN  .  ZN  ? ? ? 1_555  E HOH . O  ? ? A ZN  102 A HOH 205 9_665 ? ? ? ? ? ? ? 2.511 ? ? 
# 
_struct_conn_type.id          metalc 
_struct_conn_type.criteria    ? 
_struct_conn_type.reference   ? 
# 
loop_
_pdbx_struct_conn_angle.id 
_pdbx_struct_conn_angle.ptnr1_label_atom_id 
_pdbx_struct_conn_angle.ptnr1_label_alt_id 
_pdbx_struct_conn_angle.ptnr1_label_asym_id 
_pdbx_struct_conn_angle.ptnr1_label_comp_id 
_pdbx_struct_conn_angle.ptnr1_label_seq_id 
_pdbx_struct_conn_angle.ptnr1_auth_atom_id 
_pdbx_struct_conn_angle.ptnr1_auth_asym_id 
_pdbx_struct_conn_angle.ptnr1_auth_comp_id 
_pdbx_struct_conn_angle.ptnr1_auth_seq_id 
_pdbx_struct_conn_angle.ptnr1_PDB_ins_code 
_pdbx_struct_conn_angle.ptnr1_symmetry 
_pdbx_struct_conn_angle.ptnr2_label_atom_id 
_pdbx_struct_conn_angle.ptnr2_label_alt_id 
_pdbx_struct_conn_angle.ptnr2_label_asym_id 
_pdbx_struct_conn_angle.ptnr2_label_comp_id 
_pdbx_struct_conn_angle.ptnr2_label_seq_id 
_pdbx_struct_conn_angle.ptnr2_auth_atom_id 
_pdbx_struct_conn_angle.ptnr2_auth_asym_id 
_pdbx_struct_conn_angle.ptnr2_auth_comp_id 
_pdbx_struct_conn_angle.ptnr2_auth_seq_id 
_pdbx_struct_conn_angle.ptnr2_PDB_ins_code 
_pdbx_struct_conn_angle.ptnr2_symmetry 
_pdbx_struct_conn_angle.ptnr3_label_atom_id 
_pdbx_struct_conn_angle.ptnr3_label_alt_id 
_pdbx_struct_conn_angle.ptnr3_label_asym_id 
_pdbx_struct_conn_angle.ptnr3_label_comp_id 
_pdbx_struct_conn_angle.ptnr3_label_seq_id 
_pdbx_struct_conn_angle.ptnr3_auth_atom_id 
_pdbx_struct_conn_angle.ptnr3_auth_asym_id 
_pdbx_struct_conn_angle.ptnr3_auth_comp_id 
_pdbx_struct_conn_angle.ptnr3_auth_seq_id 
_pdbx_struct_conn_angle.ptnr3_PDB_ins_code 
_pdbx_struct_conn_angle.ptnr3_symmetry 
_pdbx_struct_conn_angle.value 
_pdbx_struct_conn_angle.value_esd 
1  N   ? A GLU 1  ? A GLU 1   ? 1_555  ZN B D ZN . ? A ZN 103 ? 1_555 OE1 ? A GLU 18 ? A GLU 18  ? 11_665 84.6  ? 
2  N   ? A GLU 1  ? A GLU 1   ? 1_555  ZN B D ZN . ? A ZN 103 ? 1_555 OXT ? A ALA 20 ? A ALA 20  ? 8_675  84.7  ? 
3  OE1 ? A GLU 18 ? A GLU 18  ? 11_665 ZN B D ZN . ? A ZN 103 ? 1_555 OXT ? A ALA 20 ? A ALA 20  ? 8_675  110.7 ? 
4  N   ? A GLU 1  ? A GLU 1   ? 1_555  ZN B D ZN . ? A ZN 103 ? 1_555 O   ? A ALA 20 ? A ALA 20  ? 8_675  143.8 ? 
5  OE1 ? A GLU 18 ? A GLU 18  ? 11_665 ZN B D ZN . ? A ZN 103 ? 1_555 O   ? A ALA 20 ? A ALA 20  ? 8_675  122.2 ? 
6  OXT ? A ALA 20 ? A ALA 20  ? 8_675  ZN B D ZN . ? A ZN 103 ? 1_555 O   ? A ALA 20 ? A ALA 20  ? 8_675  64.2  ? 
7  N   ? A GLU 1  ? A GLU 1   ? 1_555  ZN A D ZN . ? A ZN 103 ? 1_555 OE1 ? A GLU 18 ? A GLU 18  ? 11_665 115.2 ? 
8  N   ? A GLU 1  ? A GLU 1   ? 1_555  ZN A D ZN . ? A ZN 103 ? 1_555 OXT ? A ALA 20 ? A ALA 20  ? 8_675  96.5  ? 
9  OE1 ? A GLU 18 ? A GLU 18  ? 11_665 ZN A D ZN . ? A ZN 103 ? 1_555 OXT ? A ALA 20 ? A ALA 20  ? 8_675  106.2 ? 
10 OD2 ? A ASP 3  ? A ASP 3   ? 12_575 ZN ? B ZN . ? A ZN 101 ? 1_555 OD2 ? A ASP 5  ? A ASP 5   ? 1_555  129.2 ? 
11 OD2 ? A ASP 3  ? A ASP 3   ? 12_575 ZN ? B ZN . ? A ZN 101 ? 1_555 OD1 ? A ASP 5  ? A ASP 5   ? 1_555  91.0  ? 
12 OD2 ? A ASP 5  ? A ASP 5   ? 1_555  ZN ? B ZN . ? A ZN 101 ? 1_555 OD1 ? A ASP 5  ? A ASP 5   ? 1_555  51.1  ? 
13 OD2 ? A ASP 3  ? A ASP 3   ? 12_575 ZN ? B ZN . ? A ZN 101 ? 1_555 OE1 ? A GLU 16 ? A GLU 16  ? 9_665  96.4  ? 
14 OD2 ? A ASP 5  ? A ASP 5   ? 1_555  ZN ? B ZN . ? A ZN 101 ? 1_555 OE1 ? A GLU 16 ? A GLU 16  ? 9_665  109.2 ? 
15 OD1 ? A ASP 5  ? A ASP 5   ? 1_555  ZN ? B ZN . ? A ZN 101 ? 1_555 OE1 ? A GLU 16 ? A GLU 16  ? 9_665  157.3 ? 
16 OD2 ? A ASP 3  ? A ASP 3   ? 12_575 ZN ? B ZN . ? A ZN 101 ? 1_555 OE1 ? A GLU 19 ? A GLU 19  ? 9_665  96.8  ? 
17 OD2 ? A ASP 5  ? A ASP 5   ? 1_555  ZN ? B ZN . ? A ZN 101 ? 1_555 OE1 ? A GLU 19 ? A GLU 19  ? 9_665  116.0 ? 
18 OD1 ? A ASP 5  ? A ASP 5   ? 1_555  ZN ? B ZN . ? A ZN 101 ? 1_555 OE1 ? A GLU 19 ? A GLU 19  ? 9_665  94.5  ? 
19 OE1 ? A GLU 16 ? A GLU 16  ? 9_665  ZN ? B ZN . ? A ZN 101 ? 1_555 OE1 ? A GLU 19 ? A GLU 19  ? 9_665  105.8 ? 
20 OD2 ? A ASP 5  ? A ASP 5   ? 1_555  ZN ? C ZN . ? A ZN 102 ? 1_555 OD2 ? A ASP 5  ? A ASP 5   ? 12_575 82.3  ? 
21 OD2 ? A ASP 5  ? A ASP 5   ? 1_555  ZN ? C ZN . ? A ZN 102 ? 1_555 OE2 ? A GLU 16 ? A GLU 16  ? 9_665  91.4  ? 
22 OD2 ? A ASP 5  ? A ASP 5   ? 12_575 ZN ? C ZN . ? A ZN 102 ? 1_555 OE2 ? A GLU 16 ? A GLU 16  ? 9_665  113.9 ? 
23 OD2 ? A ASP 5  ? A ASP 5   ? 1_555  ZN ? C ZN . ? A ZN 102 ? 1_555 OE2 ? A GLU 16 ? A GLU 16  ? 4_675  116.5 ? 
24 OD2 ? A ASP 5  ? A ASP 5   ? 12_575 ZN ? C ZN . ? A ZN 102 ? 1_555 OE2 ? A GLU 16 ? A GLU 16  ? 4_675  81.1  ? 
25 OE2 ? A GLU 16 ? A GLU 16  ? 9_665  ZN ? C ZN . ? A ZN 102 ? 1_555 OE2 ? A GLU 16 ? A GLU 16  ? 4_675  150.5 ? 
26 OD2 ? A ASP 5  ? A ASP 5   ? 1_555  ZN ? C ZN . ? A ZN 102 ? 1_555 O   ? E HOH .  ? A HOH 205 ? 4_675  85.6  ? 
27 OD2 ? A ASP 5  ? A ASP 5   ? 12_575 ZN ? C ZN . ? A ZN 102 ? 1_555 O   ? E HOH .  ? A HOH 205 ? 4_675  148.2 ? 
28 OE2 ? A GLU 16 ? A GLU 16  ? 9_665  ZN ? C ZN . ? A ZN 102 ? 1_555 O   ? E HOH .  ? A HOH 205 ? 4_675  95.7  ? 
29 OE2 ? A GLU 16 ? A GLU 16  ? 4_675  ZN ? C ZN . ? A ZN 102 ? 1_555 O   ? E HOH .  ? A HOH 205 ? 4_675  78.3  ? 
30 OD2 ? A ASP 5  ? A ASP 5   ? 1_555  ZN ? C ZN . ? A ZN 102 ? 1_555 O   ? E HOH .  ? A HOH 205 ? 9_665  146.8 ? 
31 OD2 ? A ASP 5  ? A ASP 5   ? 12_575 ZN ? C ZN . ? A ZN 102 ? 1_555 O   ? E HOH .  ? A HOH 205 ? 9_665  75.1  ? 
32 OE2 ? A GLU 16 ? A GLU 16  ? 9_665  ZN ? C ZN . ? A ZN 102 ? 1_555 O   ? E HOH .  ? A HOH 205 ? 9_665  76.2  ? 
33 OE2 ? A GLU 16 ? A GLU 16  ? 4_675  ZN ? C ZN . ? A ZN 102 ? 1_555 O   ? E HOH .  ? A HOH 205 ? 9_665  84.0  ? 
34 O   ? E HOH .  ? A HOH 205 ? 4_675  ZN ? C ZN . ? A ZN 102 ? 1_555 O   ? E HOH .  ? A HOH 205 ? 9_665  125.8 ? 
# 
loop_
_struct_site.id 
_struct_site.pdbx_evidence_code 
_struct_site.pdbx_auth_asym_id 
_struct_site.pdbx_auth_comp_id 
_struct_site.pdbx_auth_seq_id 
_struct_site.pdbx_auth_ins_code 
_struct_site.pdbx_num_residues 
_struct_site.details 
AC1 Software A ZN 101 ? 5 'BINDING SITE FOR RESIDUE ZN A 101' 
AC2 Software A ZN 102 ? 7 'BINDING SITE FOR RESIDUE ZN A 102' 
AC3 Software A ZN 103 ? 3 'BINDING SITE FOR RESIDUE ZN A 103' 
# 
loop_
_struct_site_gen.id 
_struct_site_gen.site_id 
_struct_site_gen.pdbx_num_res 
_struct_site_gen.label_comp_id 
_struct_site_gen.label_asym_id 
_struct_site_gen.label_seq_id 
_struct_site_gen.pdbx_auth_ins_code 
_struct_site_gen.auth_comp_id 
_struct_site_gen.auth_asym_id 
_struct_site_gen.auth_seq_id 
_struct_site_gen.label_atom_id 
_struct_site_gen.label_alt_id 
_struct_site_gen.symmetry 
_struct_site_gen.details 
1  AC1 5 ASP A 3  ? ASP A 3   . ? 12_575 ? 
2  AC1 5 ASP A 5  ? ASP A 5   . ? 1_555  ? 
3  AC1 5 GLU A 16 ? GLU A 16  . ? 9_665  ? 
4  AC1 5 GLU A 19 ? GLU A 19  . ? 9_665  ? 
5  AC1 5 ZN  C .  ? ZN  A 102 . ? 1_555  ? 
6  AC2 7 ASP A 5  ? ASP A 5   . ? 12_575 ? 
7  AC2 7 ASP A 5  ? ASP A 5   . ? 1_555  ? 
8  AC2 7 GLU A 16 ? GLU A 16  . ? 4_675  ? 
9  AC2 7 GLU A 16 ? GLU A 16  . ? 9_665  ? 
10 AC2 7 ZN  B .  ? ZN  A 101 . ? 1_555  ? 
11 AC2 7 HOH E .  ? HOH A 205 . ? 9_665  ? 
12 AC2 7 HOH E .  ? HOH A 205 . ? 4_675  ? 
13 AC3 3 GLU A 1  ? GLU A 1   . ? 1_555  ? 
14 AC3 3 GLU A 18 ? GLU A 18  . ? 11_665 ? 
15 AC3 3 ALA A 20 ? ALA A 20  . ? 8_675  ? 
# 
_pdbx_struct_special_symmetry.id              1 
_pdbx_struct_special_symmetry.PDB_model_num   1 
_pdbx_struct_special_symmetry.auth_asym_id    A 
_pdbx_struct_special_symmetry.auth_comp_id    ZN 
_pdbx_struct_special_symmetry.auth_seq_id     102 
_pdbx_struct_special_symmetry.PDB_ins_code    ? 
_pdbx_struct_special_symmetry.label_asym_id   C 
_pdbx_struct_special_symmetry.label_comp_id   ZN 
_pdbx_struct_special_symmetry.label_seq_id    . 
# 
loop_
_chem_comp_atom.comp_id 
_chem_comp_atom.atom_id 
_chem_comp_atom.type_symbol 
_chem_comp_atom.pdbx_aromatic_flag 
_chem_comp_atom.pdbx_stereo_config 
_chem_comp_atom.pdbx_ordinal 
ALA N    N  N N 1   
ALA CA   C  N S 2   
ALA C    C  N N 3   
ALA O    O  N N 4   
ALA CB   C  N N 5   
ALA OXT  O  N N 6   
ALA H    H  N N 7   
ALA H2   H  N N 8   
ALA HA   H  N N 9   
ALA HB1  H  N N 10  
ALA HB2  H  N N 11  
ALA HB3  H  N N 12  
ALA HXT  H  N N 13  
ARG N    N  N N 14  
ARG CA   C  N S 15  
ARG C    C  N N 16  
ARG O    O  N N 17  
ARG CB   C  N N 18  
ARG CG   C  N N 19  
ARG CD   C  N N 20  
ARG NE   N  N N 21  
ARG CZ   C  N N 22  
ARG NH1  N  N N 23  
ARG NH2  N  N N 24  
ARG OXT  O  N N 25  
ARG H    H  N N 26  
ARG H2   H  N N 27  
ARG HA   H  N N 28  
ARG HB2  H  N N 29  
ARG HB3  H  N N 30  
ARG HG2  H  N N 31  
ARG HG3  H  N N 32  
ARG HD2  H  N N 33  
ARG HD3  H  N N 34  
ARG HE   H  N N 35  
ARG HH11 H  N N 36  
ARG HH12 H  N N 37  
ARG HH21 H  N N 38  
ARG HH22 H  N N 39  
ARG HXT  H  N N 40  
ASP N    N  N N 41  
ASP CA   C  N S 42  
ASP C    C  N N 43  
ASP O    O  N N 44  
ASP CB   C  N N 45  
ASP CG   C  N N 46  
ASP OD1  O  N N 47  
ASP OD2  O  N N 48  
ASP OXT  O  N N 49  
ASP H    H  N N 50  
ASP H2   H  N N 51  
ASP HA   H  N N 52  
ASP HB2  H  N N 53  
ASP HB3  H  N N 54  
ASP HD2  H  N N 55  
ASP HXT  H  N N 56  
GLN N    N  N N 57  
GLN CA   C  N S 58  
GLN C    C  N N 59  
GLN O    O  N N 60  
GLN CB   C  N N 61  
GLN CG   C  N N 62  
GLN CD   C  N N 63  
GLN OE1  O  N N 64  
GLN NE2  N  N N 65  
GLN OXT  O  N N 66  
GLN H    H  N N 67  
GLN H2   H  N N 68  
GLN HA   H  N N 69  
GLN HB2  H  N N 70  
GLN HB3  H  N N 71  
GLN HG2  H  N N 72  
GLN HG3  H  N N 73  
GLN HE21 H  N N 74  
GLN HE22 H  N N 75  
GLN HXT  H  N N 76  
GLU N    N  N N 77  
GLU CA   C  N S 78  
GLU C    C  N N 79  
GLU O    O  N N 80  
GLU CB   C  N N 81  
GLU CG   C  N N 82  
GLU CD   C  N N 83  
GLU OE1  O  N N 84  
GLU OE2  O  N N 85  
GLU OXT  O  N N 86  
GLU H    H  N N 87  
GLU H2   H  N N 88  
GLU HA   H  N N 89  
GLU HB2  H  N N 90  
GLU HB3  H  N N 91  
GLU HG2  H  N N 92  
GLU HG3  H  N N 93  
GLU HE2  H  N N 94  
GLU HXT  H  N N 95  
HOH O    O  N N 96  
HOH H1   H  N N 97  
HOH H2   H  N N 98  
ILE N    N  N N 99  
ILE CA   C  N S 100 
ILE C    C  N N 101 
ILE O    O  N N 102 
ILE CB   C  N S 103 
ILE CG1  C  N N 104 
ILE CG2  C  N N 105 
ILE CD1  C  N N 106 
ILE OXT  O  N N 107 
ILE H    H  N N 108 
ILE H2   H  N N 109 
ILE HA   H  N N 110 
ILE HB   H  N N 111 
ILE HG12 H  N N 112 
ILE HG13 H  N N 113 
ILE HG21 H  N N 114 
ILE HG22 H  N N 115 
ILE HG23 H  N N 116 
ILE HD11 H  N N 117 
ILE HD12 H  N N 118 
ILE HD13 H  N N 119 
ILE HXT  H  N N 120 
LEU N    N  N N 121 
LEU CA   C  N S 122 
LEU C    C  N N 123 
LEU O    O  N N 124 
LEU CB   C  N N 125 
LEU CG   C  N N 126 
LEU CD1  C  N N 127 
LEU CD2  C  N N 128 
LEU OXT  O  N N 129 
LEU H    H  N N 130 
LEU H2   H  N N 131 
LEU HA   H  N N 132 
LEU HB2  H  N N 133 
LEU HB3  H  N N 134 
LEU HG   H  N N 135 
LEU HD11 H  N N 136 
LEU HD12 H  N N 137 
LEU HD13 H  N N 138 
LEU HD21 H  N N 139 
LEU HD22 H  N N 140 
LEU HD23 H  N N 141 
LEU HXT  H  N N 142 
LYS N    N  N N 143 
LYS CA   C  N S 144 
LYS C    C  N N 145 
LYS O    O  N N 146 
LYS CB   C  N N 147 
LYS CG   C  N N 148 
LYS CD   C  N N 149 
LYS CE   C  N N 150 
LYS NZ   N  N N 151 
LYS OXT  O  N N 152 
LYS H    H  N N 153 
LYS H2   H  N N 154 
LYS HA   H  N N 155 
LYS HB2  H  N N 156 
LYS HB3  H  N N 157 
LYS HG2  H  N N 158 
LYS HG3  H  N N 159 
LYS HD2  H  N N 160 
LYS HD3  H  N N 161 
LYS HE2  H  N N 162 
LYS HE3  H  N N 163 
LYS HZ1  H  N N 164 
LYS HZ2  H  N N 165 
LYS HZ3  H  N N 166 
LYS HXT  H  N N 167 
PRO N    N  N N 168 
PRO CA   C  N S 169 
PRO C    C  N N 170 
PRO O    O  N N 171 
PRO CB   C  N N 172 
PRO CG   C  N N 173 
PRO CD   C  N N 174 
PRO OXT  O  N N 175 
PRO H    H  N N 176 
PRO HA   H  N N 177 
PRO HB2  H  N N 178 
PRO HB3  H  N N 179 
PRO HG2  H  N N 180 
PRO HG3  H  N N 181 
PRO HD2  H  N N 182 
PRO HD3  H  N N 183 
PRO HXT  H  N N 184 
SER N    N  N N 185 
SER CA   C  N S 186 
SER C    C  N N 187 
SER O    O  N N 188 
SER CB   C  N N 189 
SER OG   O  N N 190 
SER OXT  O  N N 191 
SER H    H  N N 192 
SER H2   H  N N 193 
SER HA   H  N N 194 
SER HB2  H  N N 195 
SER HB3  H  N N 196 
SER HG   H  N N 197 
SER HXT  H  N N 198 
ZN  ZN   ZN N N 199 
# 
loop_
_chem_comp_bond.comp_id 
_chem_comp_bond.atom_id_1 
_chem_comp_bond.atom_id_2 
_chem_comp_bond.value_order 
_chem_comp_bond.pdbx_aromatic_flag 
_chem_comp_bond.pdbx_stereo_config 
_chem_comp_bond.pdbx_ordinal 
ALA N   CA   sing N N 1   
ALA N   H    sing N N 2   
ALA N   H2   sing N N 3   
ALA CA  C    sing N N 4   
ALA CA  CB   sing N N 5   
ALA CA  HA   sing N N 6   
ALA C   O    doub N N 7   
ALA C   OXT  sing N N 8   
ALA CB  HB1  sing N N 9   
ALA CB  HB2  sing N N 10  
ALA CB  HB3  sing N N 11  
ALA OXT HXT  sing N N 12  
ARG N   CA   sing N N 13  
ARG N   H    sing N N 14  
ARG N   H2   sing N N 15  
ARG CA  C    sing N N 16  
ARG CA  CB   sing N N 17  
ARG CA  HA   sing N N 18  
ARG C   O    doub N N 19  
ARG C   OXT  sing N N 20  
ARG CB  CG   sing N N 21  
ARG CB  HB2  sing N N 22  
ARG CB  HB3  sing N N 23  
ARG CG  CD   sing N N 24  
ARG CG  HG2  sing N N 25  
ARG CG  HG3  sing N N 26  
ARG CD  NE   sing N N 27  
ARG CD  HD2  sing N N 28  
ARG CD  HD3  sing N N 29  
ARG NE  CZ   sing N N 30  
ARG NE  HE   sing N N 31  
ARG CZ  NH1  sing N N 32  
ARG CZ  NH2  doub N N 33  
ARG NH1 HH11 sing N N 34  
ARG NH1 HH12 sing N N 35  
ARG NH2 HH21 sing N N 36  
ARG NH2 HH22 sing N N 37  
ARG OXT HXT  sing N N 38  
ASP N   CA   sing N N 39  
ASP N   H    sing N N 40  
ASP N   H2   sing N N 41  
ASP CA  C    sing N N 42  
ASP CA  CB   sing N N 43  
ASP CA  HA   sing N N 44  
ASP C   O    doub N N 45  
ASP C   OXT  sing N N 46  
ASP CB  CG   sing N N 47  
ASP CB  HB2  sing N N 48  
ASP CB  HB3  sing N N 49  
ASP CG  OD1  doub N N 50  
ASP CG  OD2  sing N N 51  
ASP OD2 HD2  sing N N 52  
ASP OXT HXT  sing N N 53  
GLN N   CA   sing N N 54  
GLN N   H    sing N N 55  
GLN N   H2   sing N N 56  
GLN CA  C    sing N N 57  
GLN CA  CB   sing N N 58  
GLN CA  HA   sing N N 59  
GLN C   O    doub N N 60  
GLN C   OXT  sing N N 61  
GLN CB  CG   sing N N 62  
GLN CB  HB2  sing N N 63  
GLN CB  HB3  sing N N 64  
GLN CG  CD   sing N N 65  
GLN CG  HG2  sing N N 66  
GLN CG  HG3  sing N N 67  
GLN CD  OE1  doub N N 68  
GLN CD  NE2  sing N N 69  
GLN NE2 HE21 sing N N 70  
GLN NE2 HE22 sing N N 71  
GLN OXT HXT  sing N N 72  
GLU N   CA   sing N N 73  
GLU N   H    sing N N 74  
GLU N   H2   sing N N 75  
GLU CA  C    sing N N 76  
GLU CA  CB   sing N N 77  
GLU CA  HA   sing N N 78  
GLU C   O    doub N N 79  
GLU C   OXT  sing N N 80  
GLU CB  CG   sing N N 81  
GLU CB  HB2  sing N N 82  
GLU CB  HB3  sing N N 83  
GLU CG  CD   sing N N 84  
GLU CG  HG2  sing N N 85  
GLU CG  HG3  sing N N 86  
GLU CD  OE1  doub N N 87  
GLU CD  OE2  sing N N 88  
GLU OE2 HE2  sing N N 89  
GLU OXT HXT  sing N N 90  
HOH O   H1   sing N N 91  
HOH O   H2   sing N N 92  
ILE N   CA   sing N N 93  
ILE N   H    sing N N 94  
ILE N   H2   sing N N 95  
ILE CA  C    sing N N 96  
ILE CA  CB   sing N N 97  
ILE CA  HA   sing N N 98  
ILE C   O    doub N N 99  
ILE C   OXT  sing N N 100 
ILE CB  CG1  sing N N 101 
ILE CB  CG2  sing N N 102 
ILE CB  HB   sing N N 103 
ILE CG1 CD1  sing N N 104 
ILE CG1 HG12 sing N N 105 
ILE CG1 HG13 sing N N 106 
ILE CG2 HG21 sing N N 107 
ILE CG2 HG22 sing N N 108 
ILE CG2 HG23 sing N N 109 
ILE CD1 HD11 sing N N 110 
ILE CD1 HD12 sing N N 111 
ILE CD1 HD13 sing N N 112 
ILE OXT HXT  sing N N 113 
LEU N   CA   sing N N 114 
LEU N   H    sing N N 115 
LEU N   H2   sing N N 116 
LEU CA  C    sing N N 117 
LEU CA  CB   sing N N 118 
LEU CA  HA   sing N N 119 
LEU C   O    doub N N 120 
LEU C   OXT  sing N N 121 
LEU CB  CG   sing N N 122 
LEU CB  HB2  sing N N 123 
LEU CB  HB3  sing N N 124 
LEU CG  CD1  sing N N 125 
LEU CG  CD2  sing N N 126 
LEU CG  HG   sing N N 127 
LEU CD1 HD11 sing N N 128 
LEU CD1 HD12 sing N N 129 
LEU CD1 HD13 sing N N 130 
LEU CD2 HD21 sing N N 131 
LEU CD2 HD22 sing N N 132 
LEU CD2 HD23 sing N N 133 
LEU OXT HXT  sing N N 134 
LYS N   CA   sing N N 135 
LYS N   H    sing N N 136 
LYS N   H2   sing N N 137 
LYS CA  C    sing N N 138 
LYS CA  CB   sing N N 139 
LYS CA  HA   sing N N 140 
LYS C   O    doub N N 141 
LYS C   OXT  sing N N 142 
LYS CB  CG   sing N N 143 
LYS CB  HB2  sing N N 144 
LYS CB  HB3  sing N N 145 
LYS CG  CD   sing N N 146 
LYS CG  HG2  sing N N 147 
LYS CG  HG3  sing N N 148 
LYS CD  CE   sing N N 149 
LYS CD  HD2  sing N N 150 
LYS CD  HD3  sing N N 151 
LYS CE  NZ   sing N N 152 
LYS CE  HE2  sing N N 153 
LYS CE  HE3  sing N N 154 
LYS NZ  HZ1  sing N N 155 
LYS NZ  HZ2  sing N N 156 
LYS NZ  HZ3  sing N N 157 
LYS OXT HXT  sing N N 158 
PRO N   CA   sing N N 159 
PRO N   CD   sing N N 160 
PRO N   H    sing N N 161 
PRO CA  C    sing N N 162 
PRO CA  CB   sing N N 163 
PRO CA  HA   sing N N 164 
PRO C   O    doub N N 165 
PRO C   OXT  sing N N 166 
PRO CB  CG   sing N N 167 
PRO CB  HB2  sing N N 168 
PRO CB  HB3  sing N N 169 
PRO CG  CD   sing N N 170 
PRO CG  HG2  sing N N 171 
PRO CG  HG3  sing N N 172 
PRO CD  HD2  sing N N 173 
PRO CD  HD3  sing N N 174 
PRO OXT HXT  sing N N 175 
SER N   CA   sing N N 176 
SER N   H    sing N N 177 
SER N   H2   sing N N 178 
SER CA  C    sing N N 179 
SER CA  CB   sing N N 180 
SER CA  HA   sing N N 181 
SER C   O    doub N N 182 
SER C   OXT  sing N N 183 
SER CB  OG   sing N N 184 
SER CB  HB2  sing N N 185 
SER CB  HB3  sing N N 186 
SER OG  HG   sing N N 187 
SER OXT HXT  sing N N 188 
# 
_atom_sites.entry_id                    1O06 
_atom_sites.fract_transf_matrix[1][1]   0.02543212 
_atom_sites.fract_transf_matrix[1][2]   -0.02037552 
_atom_sites.fract_transf_matrix[1][3]   0.00533893 
_atom_sites.fract_transf_matrix[2][1]   0.03033355 
_atom_sites.fract_transf_matrix[2][2]   0.01226936 
_atom_sites.fract_transf_matrix[2][3]   0.00445613 
_atom_sites.fract_transf_matrix[3][1]   -0.00257625 
_atom_sites.fract_transf_matrix[3][2]   0.00080138 
_atom_sites.fract_transf_matrix[3][3]   0.01533040 
_atom_sites.fract_transf_vector[1]      0.631810 
_atom_sites.fract_transf_vector[2]      1.009082 
_atom_sites.fract_transf_vector[3]      0.069683 
# 
loop_
_atom_type.symbol 
C  
N  
O  
ZN 
# 
loop_
_atom_site.group_PDB 
_atom_site.id 
_atom_site.type_symbol 
_atom_site.label_atom_id 
_atom_site.label_alt_id 
_atom_site.label_comp_id 
_atom_site.label_asym_id 
_atom_site.label_entity_id 
_atom_site.label_seq_id 
_atom_site.pdbx_PDB_ins_code 
_atom_site.Cartn_x 
_atom_site.Cartn_y 
_atom_site.Cartn_z 
_atom_site.occupancy 
_atom_site.B_iso_or_equiv 
_atom_site.pdbx_formal_charge 
_atom_site.auth_seq_id 
_atom_site.auth_comp_id 
_atom_site.auth_asym_id 
_atom_site.auth_atom_id 
_atom_site.pdbx_PDB_model_num 
ATOM   1   N  N   . GLU A 1 1  ? 17.428  5.827   0.277  1.00 20.67 ? 1   GLU A N   1 
ATOM   2   C  CA  . GLU A 1 1  ? 16.538  5.699   1.455  1.00 21.08 ? 1   GLU A CA  1 
ATOM   3   C  C   . GLU A 1 1  ? 15.097  5.570   0.980  1.00 19.87 ? 1   GLU A C   1 
ATOM   4   O  O   . GLU A 1 1  ? 14.564  6.485   0.349  1.00 20.55 ? 1   GLU A O   1 
ATOM   5   C  CB  . GLU A 1 1  ? 16.680  6.916   2.368  1.00 21.76 ? 1   GLU A CB  1 
ATOM   6   C  CG  . GLU A 1 1  ? 15.988  6.776   3.714  1.00 24.53 ? 1   GLU A CG  1 
ATOM   7   C  CD  . GLU A 1 1  ? 16.759  5.927   4.706  1.00 27.66 ? 1   GLU A CD  1 
ATOM   8   O  OE1 . GLU A 1 1  ? 16.227  5.709   5.815  1.00 30.19 ? 1   GLU A OE1 1 
ATOM   9   O  OE2 . GLU A 1 1  ? 17.889  5.477   4.397  1.00 29.83 ? 1   GLU A OE2 1 
ATOM   10  N  N   . GLU A 1 2  ? 14.484  4.429   1.266  1.00 18.60 ? 2   GLU A N   1 
ATOM   11  C  CA  . GLU A 1 2  ? 13.067  4.226   1.017  1.00 17.49 ? 2   GLU A CA  1 
ATOM   12  C  C   . GLU A 1 2  ? 12.256  4.722   2.205  1.00 16.56 ? 2   GLU A C   1 
ATOM   13  O  O   . GLU A 1 2  ? 12.759  4.853   3.318  1.00 17.43 ? 2   GLU A O   1 
ATOM   14  C  CB  . GLU A 1 2  ? 12.789  2.756   0.726  1.00 17.43 ? 2   GLU A CB  1 
ATOM   15  C  CG  . GLU A 1 2  ? 13.500  2.248   -0.526 1.00 17.86 ? 2   GLU A CG  1 
ATOM   16  C  CD  . GLU A 1 2  ? 13.533  0.740   -0.630 1.00 19.42 ? 2   GLU A CD  1 
ATOM   17  O  OE1 . GLU A 1 2  ? 12.665  0.065   -0.050 1.00 22.63 ? 2   GLU A OE1 1 
ATOM   18  O  OE2 . GLU A 1 2  ? 14.447  0.222   -1.310 1.00 18.92 ? 2   GLU A OE2 1 
ATOM   19  N  N   . ASP A 1 3  ? 10.998  5.022   1.940  1.00 14.95 ? 3   ASP A N   1 
ATOM   20  C  CA  . ASP A 1 3  ? 10.114  5.613   2.928  1.00 13.54 ? 3   ASP A CA  1 
ATOM   21  C  C   . ASP A 1 3  ? 9.102   4.546   3.318  1.00 12.30 ? 3   ASP A C   1 
ATOM   22  O  O   . ASP A 1 3  ? 8.275   4.151   2.496  1.00 11.46 ? 3   ASP A O   1 
ATOM   23  C  CB  . ASP A 1 3  ? 9.445   6.832   2.299  1.00 13.36 ? 3   ASP A CB  1 
ATOM   24  C  CG  . ASP A 1 3  ? 8.596   7.609   3.266  1.00 12.91 ? 3   ASP A CG  1 
ATOM   25  O  OD1 . ASP A 1 3  ? 7.976   7.003   4.162  1.00 12.69 ? 3   ASP A OD1 1 
ATOM   26  O  OD2 . ASP A 1 3  ? 8.491   8.848   3.182  1.00 12.66 ? 3   ASP A OD2 1 
ATOM   27  N  N   . PRO A 1 4  ? 9.144   4.050   4.549  1.00 11.87 ? 4   PRO A N   1 
ATOM   28  C  CA  . PRO A 1 4  ? 8.216   2.975   4.926  1.00 10.76 ? 4   PRO A CA  1 
ATOM   29  C  C   . PRO A 1 4  ? 6.749   3.392   4.881  1.00 10.51 ? 4   PRO A C   1 
ATOM   30  O  O   . PRO A 1 4  ? 5.902   2.542   4.656  1.00 9.80  ? 4   PRO A O   1 
ATOM   31  C  CB  . PRO A 1 4  ? 8.643   2.596   6.352  1.00 11.76 ? 4   PRO A CB  1 
ATOM   32  C  CG  . PRO A 1 4  ? 9.432   3.723   6.840  1.00 13.13 ? 4   PRO A CG  1 
ATOM   33  C  CD  . PRO A 1 4  ? 10.027  4.426   5.665  1.00 11.71 ? 4   PRO A CD  1 
ATOM   34  N  N   . ASP A 1 5  ? 6.440   4.666   5.083  1.00 9.07  ? 5   ASP A N   1 
ATOM   35  C  CA  . ASP A 1 5  ? 5.058   5.110   5.030  1.00 9.21  ? 5   ASP A CA  1 
ATOM   36  C  C   . ASP A 1 5  ? 4.540   5.114   3.600  1.00 8.99  ? 5   ASP A C   1 
ATOM   37  O  O   . ASP A 1 5  ? 3.372   4.853   3.381  1.00 9.57  ? 5   ASP A O   1 
ATOM   38  C  CB  . ASP A 1 5  ? 4.900   6.517   5.584  1.00 9.20  ? 5   ASP A CB  1 
ATOM   39  C  CG  . ASP A 1 5  ? 4.827   6.567   7.093  1.00 10.42 ? 5   ASP A CG  1 
ATOM   40  O  OD1 . ASP A 1 5  ? 4.816   5.541   7.801  1.00 12.19 ? 5   ASP A OD1 1 
ATOM   41  O  OD2 . ASP A 1 5  ? 4.733   7.670   7.662  1.00 10.42 ? 5   ASP A OD2 1 
ATOM   42  N  N   . LEU A 1 6  ? 5.395   5.450   2.641  1.00 9.06  ? 6   LEU A N   1 
ATOM   43  C  CA  . LEU A 1 6  ? 5.014   5.378   1.231  1.00 9.52  ? 6   LEU A CA  1 
ATOM   44  C  C   . LEU A 1 6  ? 4.688   3.942   0.861  1.00 9.92  ? 6   LEU A C   1 
ATOM   45  O  O   . LEU A 1 6  ? 3.648   3.681   0.286  1.00 9.30  ? 6   LEU A O   1 
ATOM   46  C  CB  . LEU A 1 6  ? 6.130   5.933   0.323  1.00 10.01 ? 6   LEU A CB  1 
ATOM   47  C  CG  . LEU A 1 6  ? 5.876   5.817   -1.188 1.00 10.89 ? 6   LEU A CG  1 
ATOM   48  C  CD1 . LEU A 1 6  ? 4.587   6.513   -1.630 1.00 12.60 ? 6   LEU A CD1 1 
ATOM   49  C  CD2 . LEU A 1 6  ? 7.067   6.356   -1.934 1.00 13.00 ? 6   LEU A CD2 1 
ATOM   50  N  N   . LYS A 1 7  ? 5.571   3.015   1.203  1.00 9.30  ? 7   LYS A N   1 
ATOM   51  C  CA  . LYS A 1 7  ? 5.375   1.616   0.864  1.00 10.12 ? 7   LYS A CA  1 
ATOM   52  C  C   . LYS A 1 7  ? 4.138   1.075   1.571  1.00 9.96  ? 7   LYS A C   1 
ATOM   53  O  O   . LYS A 1 7  ? 3.349   0.349   0.964  1.00 9.24  ? 7   LYS A O   1 
ATOM   54  C  CB  . LYS A 1 7  ? 6.621   0.811   1.206  1.00 10.93 ? 7   LYS A CB  1 
ATOM   55  C  CG  . LYS A 1 7  ? 7.795   1.213   0.328  0.50 11.22 ? 7   LYS A CG  1 
ATOM   56  C  CD  . LYS A 1 7  ? 8.962   0.274   0.475  1.00 14.78 ? 7   LYS A CD  1 
ATOM   57  C  CE  . LYS A 1 7  ? 9.677   0.447   1.801  0.50 14.94 ? 7   LYS A CE  1 
ATOM   58  N  NZ  . LYS A 1 7  ? 10.858  -0.453  1.881  0.50 15.74 ? 7   LYS A NZ  1 
ATOM   59  N  N   . ALA A 1 8  ? 3.926   1.443   2.826  1.00 10.11 ? 8   ALA A N   1 
ATOM   60  C  CA  . ALA A 1 8  ? 2.789   0.931   3.575  1.00 10.14 ? 8   ALA A CA  1 
ATOM   61  C  C   . ALA A 1 8  ? 1.478   1.416   2.962  1.00 9.97  ? 8   ALA A C   1 
ATOM   62  O  O   . ALA A 1 8  ? 0.507   0.660   2.883  1.00 10.37 ? 8   ALA A O   1 
ATOM   63  C  CB  . ALA A 1 8  ? 2.877   1.335   5.042  1.00 10.75 ? 8   ALA A CB  1 
ATOM   64  N  N   . ALA A 1 9  ? 1.441   2.667   2.511  1.00 10.06 ? 9   ALA A N   1 
ATOM   65  C  CA  . ALA A 1 9  ? 0.245   3.232   1.914  1.00 9.79  ? 9   ALA A CA  1 
ATOM   66  C  C   . ALA A 1 9  ? -0.073  2.535   0.595  1.00 9.72  ? 9   ALA A C   1 
ATOM   67  O  O   . ALA A 1 9  ? -1.225  2.241   0.292  1.00 9.20  ? 9   ALA A O   1 
ATOM   68  C  CB  . ALA A 1 9  ? 0.398   4.734   1.710  1.00 9.94  ? 9   ALA A CB  1 
ATOM   69  N  N   . ILE A 1 10 ? 0.955   2.236   -0.185 1.00 8.99  ? 10  ILE A N   1 
ATOM   70  C  CA  . ILE A 1 10 ? 0.746   1.542   -1.452 1.00 9.39  ? 10  ILE A CA  1 
ATOM   71  C  C   . ILE A 1 10 ? 0.313   0.090   -1.217 1.00 9.83  ? 10  ILE A C   1 
ATOM   72  O  O   . ILE A 1 10 ? -0.570  -0.412  -1.906 1.00 9.70  ? 10  ILE A O   1 
ATOM   73  C  CB  . ILE A 1 10 ? 2.026   1.610   -2.313 1.00 9.40  ? 10  ILE A CB  1 
ATOM   74  C  CG1 . ILE A 1 10 ? 2.353   3.049   -2.708 1.00 9.56  ? 10  ILE A CG1 1 
ATOM   75  C  CG2 . ILE A 1 10 ? 1.872   0.755   -3.581 1.00 10.01 ? 10  ILE A CG2 1 
ATOM   76  C  CD1 . ILE A 1 10 ? 3.756   3.220   -3.213 1.00 10.26 ? 10  ILE A CD1 1 
ATOM   77  N  N   A GLN A 1 11 ? 0.956   -0.588  -0.267 0.50 10.18 ? 11  GLN A N   1 
ATOM   78  N  N   B GLN A 1 11 ? 0.931   -0.586  -0.255 0.50 10.09 ? 11  GLN A N   1 
ATOM   79  C  CA  A GLN A 1 11 ? 0.576   -1.952  0.082  0.50 10.84 ? 11  GLN A CA  1 
ATOM   80  C  CA  B GLN A 1 11 ? 0.550   -1.959  0.049  0.50 10.66 ? 11  GLN A CA  1 
ATOM   81  C  C   A GLN A 1 11 ? -0.887  -1.993  0.507  0.50 10.57 ? 11  GLN A C   1 
ATOM   82  C  C   B GLN A 1 11 ? -0.892  -2.015  0.534  0.50 10.52 ? 11  GLN A C   1 
ATOM   83  O  O   A GLN A 1 11 ? -1.634  -2.894  0.105  0.50 10.46 ? 11  GLN A O   1 
ATOM   84  O  O   B GLN A 1 11 ? -1.631  -2.951  0.201  0.50 10.47 ? 11  GLN A O   1 
ATOM   85  C  CB  A GLN A 1 11 ? 1.468   -2.514  1.197  0.50 11.27 ? 11  GLN A CB  1 
ATOM   86  C  CB  B GLN A 1 11 ? 1.496   -2.574  1.079  0.50 10.92 ? 11  GLN A CB  1 
ATOM   87  C  CG  A GLN A 1 11 ? 2.840   -2.986  0.725  0.50 13.23 ? 11  GLN A CG  1 
ATOM   88  C  CG  B GLN A 1 11 ? 2.906   -2.762  0.552  0.50 12.49 ? 11  GLN A CG  1 
ATOM   89  C  CD  A GLN A 1 11 ? 3.889   -2.992  1.837  0.50 15.18 ? 11  GLN A CD  1 
ATOM   90  C  CD  B GLN A 1 11 ? 3.120   -4.098  -0.132 0.50 14.32 ? 11  GLN A CD  1 
ATOM   91  O  OE1 A GLN A 1 11 ? 3.550   -3.006  3.015  0.50 17.98 ? 11  GLN A OE1 1 
ATOM   92  O  OE1 B GLN A 1 11 ? 2.161   -4.783  -0.506 0.50 15.67 ? 11  GLN A OE1 1 
ATOM   93  N  NE2 A GLN A 1 11 ? 5.163   -2.956  1.453  0.50 17.75 ? 11  GLN A NE2 1 
ATOM   94  N  NE2 B GLN A 1 11 ? 4.382   -4.477  -0.294 0.50 15.74 ? 11  GLN A NE2 1 
ATOM   95  N  N   . GLU A 1 12 ? -1.299  -1.020  1.316  1.00 10.67 ? 12  GLU A N   1 
ATOM   96  C  CA  . GLU A 1 12 ? -2.682  -0.928  1.746  1.00 10.67 ? 12  GLU A CA  1 
ATOM   97  C  C   . GLU A 1 12 ? -3.601  -0.735  0.539  1.00 10.19 ? 12  GLU A C   1 
ATOM   98  O  O   . GLU A 1 12 ? -4.648  -1.386  0.470  1.00 9.81  ? 12  GLU A O   1 
ATOM   99  C  CB  . GLU A 1 12 ? -2.887  0.204   2.763  1.00 11.31 ? 12  GLU A CB  1 
ATOM   100 C  CG  . GLU A 1 12 ? -4.286  0.258   3.360  1.00 15.91 ? 12  GLU A CG  1 
ATOM   101 C  CD  . GLU A 1 12 ? -4.671  -1.025  4.082  1.00 20.56 ? 12  GLU A CD  1 
ATOM   102 O  OE1 . GLU A 1 12 ? -3.778  -1.742  4.593  1.00 25.79 ? 12  GLU A OE1 1 
ATOM   103 O  OE2 . GLU A 1 12 ? -5.873  -1.343  4.146  1.00 26.21 ? 12  GLU A OE2 1 
ATOM   104 N  N   A SER A 1 13 ? -3.195  0.143   -0.378 0.50 9.47  ? 13  SER A N   1 
ATOM   105 N  N   B SER A 1 13 ? -3.257  0.125   -0.429 0.50 9.80  ? 13  SER A N   1 
ATOM   106 C  CA  A SER A 1 13 ? -3.932  0.373   -1.614 0.50 9.62  ? 13  SER A CA  1 
ATOM   107 C  CA  B SER A 1 13 ? -4.150  0.242   -1.601 0.50 9.89  ? 13  SER A CA  1 
ATOM   108 C  C   A SER A 1 13 ? -4.168  -0.934  -2.376 0.50 9.92  ? 13  SER A C   1 
ATOM   109 C  C   B SER A 1 13 ? -4.243  -1.050  -2.355 0.50 10.20 ? 13  SER A C   1 
ATOM   110 O  O   A SER A 1 13 ? -5.258  -1.145  -2.900 0.50 9.46  ? 13  SER A O   1 
ATOM   111 O  O   B SER A 1 13 ? -5.292  -1.361  -2.898 0.50 9.69  ? 13  SER A O   1 
ATOM   112 C  CB  A SER A 1 13 ? -3.200  1.393   -2.501 0.50 9.70  ? 13  SER A CB  1 
ATOM   113 C  CB  B SER A 1 13 ? -3.782  1.321   -2.621 0.50 10.61 ? 13  SER A CB  1 
ATOM   114 O  OG  A SER A 1 13 ? -3.086  2.652   -1.859 0.70 10.95 ? 13  SER A OG  1 
ATOM   115 O  OG  B SER A 1 13 ? -2.426  1.278   -3.018 0.30 9.81  ? 13  SER A OG  1 
ATOM   116 N  N   . LEU A 1 14 ? -3.147  -1.795  -2.435 1.00 10.29 ? 14  LEU A N   1 
ATOM   117 C  CA  . LEU A 1 14 ? -3.211  -3.081  -3.127 1.00 11.60 ? 14  LEU A CA  1 
ATOM   118 C  C   . LEU A 1 14 ? -4.197  -4.028  -2.457 1.00 11.84 ? 14  LEU A C   1 
ATOM   119 O  O   . LEU A 1 14 ? -4.995  -4.657  -3.146 1.00 12.48 ? 14  LEU A O   1 
ATOM   120 C  CB  . LEU A 1 14 ? -1.823  -3.709  -3.243 1.00 12.53 ? 14  LEU A CB  1 
ATOM   121 C  CG  . LEU A 1 14 ? -1.733  -4.890  -4.209 1.00 15.29 ? 14  LEU A CG  1 
ATOM   122 C  CD1 . LEU A 1 14 ? -1.920  -4.447  -5.651 1.00 17.32 ? 14  LEU A CD1 1 
ATOM   123 C  CD2 . LEU A 1 14 ? -0.397  -5.581  -4.041 1.00 17.44 ? 14  LEU A CD2 1 
ATOM   124 N  N   . ARG A 1 15 ? -4.174  -4.097  -1.133 1.00 12.02 ? 15  ARG A N   1 
ATOM   125 C  CA  . ARG A 1 15 ? -5.097  -4.941  -0.391 1.00 12.70 ? 15  ARG A CA  1 
ATOM   126 C  C   . ARG A 1 15 ? -6.515  -4.453  -0.625 1.00 12.01 ? 15  ARG A C   1 
ATOM   127 O  O   . ARG A 1 15 ? -7.434  -5.242  -0.828 1.00 12.87 ? 15  ARG A O   1 
ATOM   128 C  CB  . ARG A 1 15 ? -4.783  -4.918  1.099  1.00 13.79 ? 15  ARG A CB  1 
ATOM   129 C  CG  . ARG A 1 15 ? -3.669  -5.815  1.498  1.00 17.83 ? 15  ARG A CG  1 
ATOM   130 C  CD  . ARG A 1 15 ? -3.581  -6.000  2.995  1.00 22.20 ? 15  ARG A CD  1 
ATOM   131 N  NE  . ARG A 1 15 ? -2.890  -4.866  3.594  1.00 24.85 ? 15  ARG A NE  1 
ATOM   132 C  CZ  . ARG A 1 15 ? -1.569  -4.687  3.573  1.00 26.83 ? 15  ARG A CZ  1 
ATOM   133 N  NH1 . ARG A 1 15 ? -0.758  -5.576  3.000  1.00 27.76 ? 15  ARG A NH1 1 
ATOM   134 N  NH2 . ARG A 1 15 ? -1.056  -3.609  4.135  1.00 27.23 ? 15  ARG A NH2 1 
ATOM   135 N  N   . GLU A 1 16 ? -6.683  -3.138  -0.611 1.00 11.44 ? 16  GLU A N   1 
ATOM   136 C  CA  . GLU A 1 16 ? -7.983  -2.526  -0.853 1.00 11.37 ? 16  GLU A CA  1 
ATOM   137 C  C   . GLU A 1 16 ? -8.533  -2.829  -2.251 1.00 11.84 ? 16  GLU A C   1 
ATOM   138 O  O   . GLU A 1 16 ? -9.727  -3.109  -2.416 1.00 12.73 ? 16  GLU A O   1 
ATOM   139 C  CB  . GLU A 1 16 ? -7.891  -1.013  -0.632 1.00 11.22 ? 16  GLU A CB  1 
ATOM   140 C  CG  . GLU A 1 16 ? -7.806  -0.622  0.827  1.00 10.93 ? 16  GLU A CG  1 
ATOM   141 C  CD  . GLU A 1 16 ? -9.097  -0.860  1.562  1.00 11.05 ? 16  GLU A CD  1 
ATOM   142 O  OE1 . GLU A 1 16 ? -10.164 -0.721  0.935  1.00 10.12 ? 16  GLU A OE1 1 
ATOM   143 O  OE2 . GLU A 1 16 ? -9.014  -1.173  2.758  1.00 12.92 ? 16  GLU A OE2 1 
ATOM   144 N  N   . ALA A 1 17 ? -7.665  -2.811  -3.256 1.00 11.94 ? 17  ALA A N   1 
ATOM   145 C  CA  . ALA A 1 17 ? -8.081  -3.075  -4.621 1.00 13.05 ? 17  ALA A CA  1 
ATOM   146 C  C   . ALA A 1 17 ? -8.529  -4.518  -4.746 1.00 14.12 ? 17  ALA A C   1 
ATOM   147 O  O   . ALA A 1 17 ? -9.421  -4.831  -5.533 1.00 14.08 ? 17  ALA A O   1 
ATOM   148 C  CB  . ALA A 1 17 ? -6.939  -2.798  -5.574 1.00 12.78 ? 17  ALA A CB  1 
ATOM   149 N  N   . GLU A 1 18 ? -7.899  -5.393  -3.970 1.00 15.34 ? 18  GLU A N   1 
ATOM   150 C  CA  . GLU A 1 18 ? -8.235  -6.814  -3.973 1.00 17.45 ? 18  GLU A CA  1 
ATOM   151 C  C   . GLU A 1 18 ? -9.594  -7.105  -3.350 1.00 17.87 ? 18  GLU A C   1 
ATOM   152 O  O   . GLU A 1 18 ? -10.129 -8.193  -3.549 1.00 18.98 ? 18  GLU A O   1 
ATOM   153 C  CB  . GLU A 1 18 ? -7.155  -7.613  -3.234 1.00 18.22 ? 18  GLU A CB  1 
ATOM   154 C  CG  . GLU A 1 18 ? -6.070  -8.184  -4.119 1.00 21.51 ? 18  GLU A CG  1 
ATOM   155 C  CD  . GLU A 1 18 ? -6.561  -9.304  -5.023 1.00 24.41 ? 18  GLU A CD  1 
ATOM   156 O  OE1 . GLU A 1 18 ? -7.447  -10.105 -4.615 1.00 26.38 ? 18  GLU A OE1 1 
ATOM   157 O  OE2 . GLU A 1 18 ? -6.045  -9.381  -6.160 1.00 30.41 ? 18  GLU A OE2 1 
ATOM   158 N  N   . GLU A 1 19 ? -10.147 -6.163  -2.581 1.00 18.42 ? 19  GLU A N   1 
ATOM   159 C  CA  . GLU A 1 19 ? -11.506 -6.298  -2.025 1.00 18.81 ? 19  GLU A CA  1 
ATOM   160 C  C   . GLU A 1 19 ? -12.623 -6.193  -3.028 1.00 20.04 ? 19  GLU A C   1 
ATOM   161 O  O   . GLU A 1 19 ? -13.741 -6.640  -2.752 1.00 20.15 ? 19  GLU A O   1 
ATOM   162 C  CB  . GLU A 1 19 ? -11.795 -5.201  -1.008 1.00 18.76 ? 19  GLU A CB  1 
ATOM   163 C  CG  . GLU A 1 19 ? -11.087 -5.365  0.294  1.00 17.89 ? 19  GLU A CG  1 
ATOM   164 C  CD  . GLU A 1 19 ? -11.162 -4.115  1.142  1.00 15.73 ? 19  GLU A CD  1 
ATOM   165 O  OE1 . GLU A 1 19 ? -12.067 -3.248  0.914  1.00 12.59 ? 19  GLU A OE1 1 
ATOM   166 O  OE2 . GLU A 1 19 ? -10.295 -4.027  2.030  1.00 17.96 ? 19  GLU A OE2 1 
ATOM   167 N  N   . ALA A 1 20 ? -12.374 -5.539  -4.156 1.00 20.62 ? 20  ALA A N   1 
ATOM   168 C  CA  . ALA A 1 20 ? -13.412 -5.362  -5.160 1.00 21.72 ? 20  ALA A CA  1 
ATOM   169 C  C   . ALA A 1 20 ? -13.790 -6.710  -5.753 1.00 22.11 ? 20  ALA A C   1 
ATOM   170 O  O   . ALA A 1 20 ? -13.219 -7.753  -5.445 1.00 22.95 ? 20  ALA A O   1 
ATOM   171 C  CB  . ALA A 1 20 ? -12.956 -4.408  -6.253 1.00 21.76 ? 20  ALA A CB  1 
ATOM   172 O  OXT . ALA A 1 20 ? -14.698 -6.839  -6.565 1.00 23.39 ? 20  ALA A OXT 1 
HETATM 173 ZN ZN  . ZN  B 2 .  ? 4.255   7.592   9.516  1.00 10.90 ? 101 ZN  A ZN  1 
HETATM 174 ZN ZN  . ZN  C 2 .  ? 4.180   9.677   6.658  0.25 8.95  ? 102 ZN  A ZN  1 
HETATM 175 ZN ZN  A ZN  D 2 .  ? 17.460  4.613   -1.036 0.50 14.39 ? 103 ZN  A ZN  1 
HETATM 176 ZN ZN  B ZN  D 2 .  ? 16.956  4.226   -1.632 0.50 18.45 ? 103 ZN  A ZN  1 
HETATM 177 O  O   A HOH E 3 .  ? 6.647   -0.147  4.898  0.50 14.30 ? 201 HOH A O   1 
HETATM 178 O  O   B HOH E 3 .  ? 6.185   -0.179  5.565  0.50 15.08 ? 201 HOH A O   1 
HETATM 179 O  O   . HOH E 3 .  ? -9.995  -3.736  -8.054 1.00 19.31 ? 202 HOH A O   1 
HETATM 180 O  O   . HOH E 3 .  ? -1.225  3.634   -3.536 0.50 11.90 ? 203 HOH A O   1 
HETATM 181 O  O   . HOH E 3 .  ? 8.437   9.456   0.415  1.00 17.91 ? 204 HOH A O   1 
HETATM 182 O  O   . HOH E 3 .  ? -7.959  -0.088  5.193  1.00 19.77 ? 205 HOH A O   1 
HETATM 183 O  O   . HOH E 3 .  ? 0.351   -1.379  4.691  1.00 21.47 ? 206 HOH A O   1 
HETATM 184 O  O   . HOH E 3 .  ? -9.011  -6.182  2.631  1.00 24.04 ? 207 HOH A O   1 
HETATM 185 O  O   . HOH E 3 .  ? -0.647  -5.569  0.024  1.00 26.16 ? 208 HOH A O   1 
HETATM 186 O  O   . HOH E 3 .  ? 15.501  1.301   -2.841 0.50 10.75 ? 209 HOH A O   1 
HETATM 187 O  O   . HOH E 3 .  ? 1.578   5.746   5.294  1.00 22.54 ? 210 HOH A O   1 
HETATM 188 O  O   . HOH E 3 .  ? -11.902 -1.695  -8.574 1.00 25.02 ? 211 HOH A O   1 
HETATM 189 O  O   . HOH E 3 .  ? 12.491  8.120   0.407  1.00 27.41 ? 212 HOH A O   1 
HETATM 190 O  O   . HOH E 3 .  ? 9.021   -0.953  4.924  1.00 45.05 ? 213 HOH A O   1 
HETATM 191 O  O   . HOH E 3 .  ? 12.591  9.221   2.686  1.00 36.34 ? 214 HOH A O   1 
HETATM 192 O  O   . HOH E 3 .  ? -7.801  -7.657  0.414  1.00 19.45 ? 215 HOH A O   1 
HETATM 193 O  O   . HOH E 3 .  ? -2.092  -7.517  -1.189 1.00 40.12 ? 216 HOH A O   1 
HETATM 194 O  O   . HOH E 3 .  ? 16.619  1.686   -4.793 0.50 17.07 ? 217 HOH A O   1 
HETATM 195 O  O   A HOH E 3 .  ? -5.533  -2.649  6.267  0.50 15.94 ? 218 HOH A O   1 
HETATM 196 O  O   B HOH E 3 .  ? -6.373  -1.625  6.130  0.50 9.94  ? 218 HOH A O   1 
HETATM 197 O  O   . HOH E 3 .  ? 17.879  1.962   5.367  1.00 22.97 ? 219 HOH A O   1 
HETATM 198 O  O   A HOH E 3 .  ? 16.892  3.367   6.728  0.50 10.09 ? 220 HOH A O   1 
HETATM 199 O  O   B HOH E 3 .  ? 17.674  4.084   6.750  0.50 11.73 ? 220 HOH A O   1 
HETATM 200 O  O   . HOH E 3 .  ? 14.719  2.927   9.252  0.50 19.00 ? 221 HOH A O   1 
HETATM 201 O  O   . HOH E 3 .  ? 15.807  2.642   3.354  1.00 34.42 ? 222 HOH A O   1 
HETATM 202 O  O   . HOH E 3 .  ? -7.222  -3.265  3.371  1.00 27.61 ? 223 HOH A O   1 
HETATM 203 O  O   . HOH E 3 .  ? -3.128  4.565   4.234  0.50 30.21 ? 224 HOH A O   1 
HETATM 204 O  O   . HOH E 3 .  ? -4.411  -5.906  -5.694 1.00 30.11 ? 225 HOH A O   1 
HETATM 205 O  O   . HOH E 3 .  ? 15.398  0.834   8.251  0.50 20.02 ? 226 HOH A O   1 
# 
